data_7D2R
#
_entry.id   7D2R
#
_cell.length_a   54.760
_cell.length_b   72.678
_cell.length_c   58.986
_cell.angle_alpha   90.000
_cell.angle_beta   99.680
_cell.angle_gamma   90.000
#
_symmetry.space_group_name_H-M   'P 1 21 1'
#
loop_
_entity.id
_entity.type
_entity.pdbx_description
1 polymer 'cis-3-hydroxy-L-proline dehydratase'
2 non-polymer 'FE2/S2 (INORGANIC) CLUSTER'
3 non-polymer GLYCEROL
4 non-polymer 'SODIUM ION'
5 water water
#
_entity_poly.entity_id   1
_entity_poly.type   'polypeptide(L)'
_entity_poly.pdbx_seq_one_letter_code
;MRGSHHHHHHGSSAVSTTAAPEARSILAGAAEGKVIATTEALSFWGGVDPATGKVIDVHHPLHGICLTGGVLFMPTSRGS
CTGSGVLLDLILTGRAPSALVFCEAEDVLTLGALVAAEMFDKALPVIRLDTETFARFSRAAHVRIDQNTIKADGVSLAVA
PPATAHLDLTDDDRAMLEGRDGIAVRQAMRIIVAMAAQQGASALVDVTQGHIDGCIYASPANLTFAEKMADMGGKVRVPS
TMNAISVDKANWRAQGVPEDFGDPAARLADAYVRMGCRPTFTCSPYLLDSAPSAGESIGWAESNAVIFANTVLGARTAKH
PDFLDLCIAMTGRAPLSGVYLEENRRPQRIVDVALPAGIDDAFWPLVGYLAGKAVPDCIPLLRGLGAAKPSRDDLKALCA
AFGTTSASPMLHIEGATPEAGLAPLETAETVTISLEDMAAGWSLLNEGPEEVQLVAIGCPHASLEECRALAAVFNGRKRH
ADVAVIVTAGQQVIDAAGKDGTLQSLKDSGVQVLPDLCWVSISEPVFPTKTRALMTNSGKYAHYGPGLSGRAVRFGSLAD
CVESALTGRAVSRLPVWLS
;
_entity_poly.pdbx_strand_id   A
#
# COMPACT_ATOMS: atom_id res chain seq x y z
N GLU A 22 21.66 -9.44 19.37
CA GLU A 22 22.23 -8.35 18.58
C GLU A 22 21.26 -7.17 18.48
N ALA A 23 21.81 -5.97 18.41
CA ALA A 23 21.04 -4.76 18.20
C ALA A 23 21.72 -3.93 17.13
N ARG A 24 21.06 -3.76 15.99
CA ARG A 24 21.61 -3.02 14.86
C ARG A 24 20.92 -1.67 14.74
N SER A 25 21.72 -0.62 14.61
CA SER A 25 21.18 0.72 14.38
C SER A 25 20.91 0.90 12.89
N ILE A 26 19.66 1.19 12.54
CA ILE A 26 19.31 1.50 11.16
C ILE A 26 19.42 3.00 10.89
N LEU A 27 18.80 3.80 11.74
CA LEU A 27 18.94 5.25 11.72
C LEU A 27 19.29 5.73 13.11
N ALA A 28 20.38 6.48 13.22
CA ALA A 28 20.87 6.91 14.53
C ALA A 28 19.89 7.88 15.18
N GLY A 29 20.07 8.07 16.48
CA GLY A 29 19.21 8.96 17.24
C GLY A 29 19.03 8.42 18.65
N ALA A 30 18.30 9.19 19.44
CA ALA A 30 18.04 8.84 20.83
C ALA A 30 16.59 9.10 21.17
N ALA A 31 16.02 8.25 22.02
CA ALA A 31 14.63 8.37 22.40
C ALA A 31 14.40 7.61 23.70
N GLU A 32 13.20 7.77 24.25
CA GLU A 32 12.80 7.15 25.50
C GLU A 32 11.28 7.27 25.62
N GLY A 33 10.66 6.26 26.20
CA GLY A 33 9.24 6.32 26.46
C GLY A 33 8.65 4.95 26.71
N LYS A 34 7.33 4.90 26.73
CA LYS A 34 6.64 3.63 26.84
C LYS A 34 7.01 2.64 25.76
N VAL A 35 7.05 1.37 26.14
CA VAL A 35 7.06 0.27 25.20
C VAL A 35 5.64 0.00 24.71
N ILE A 36 5.40 0.28 23.43
CA ILE A 36 4.17 -0.12 22.75
C ILE A 36 4.56 -1.23 21.79
N ALA A 37 4.17 -2.45 22.11
CA ALA A 37 4.66 -3.65 21.44
C ALA A 37 3.51 -4.42 20.82
N THR A 38 3.77 -5.03 19.67
CA THR A 38 2.81 -5.90 19.00
C THR A 38 3.58 -6.93 18.19
N THR A 39 2.94 -8.06 17.95
CA THR A 39 3.49 -9.11 17.11
C THR A 39 2.98 -9.03 15.67
N GLU A 40 2.12 -8.07 15.36
CA GLU A 40 1.52 -7.95 14.04
C GLU A 40 1.93 -6.62 13.41
N ALA A 41 2.28 -6.68 12.13
CA ALA A 41 2.69 -5.49 11.40
C ALA A 41 1.53 -4.50 11.27
N LEU A 42 1.88 -3.23 11.06
CA LEU A 42 0.91 -2.16 10.96
C LEU A 42 1.25 -1.27 9.78
N SER A 43 0.21 -0.87 9.03
CA SER A 43 0.36 0.13 7.98
C SER A 43 0.05 1.50 8.56
N PHE A 44 1.00 2.42 8.47
CA PHE A 44 0.79 3.73 9.06
C PHE A 44 -0.25 4.53 8.27
N TRP A 45 -0.26 4.41 6.95
CA TRP A 45 -1.34 4.97 6.17
C TRP A 45 -2.51 3.99 6.19
N GLY A 46 -3.65 4.45 6.70
CA GLY A 46 -4.80 3.59 6.92
C GLY A 46 -4.85 2.95 8.29
N GLY A 47 -3.74 2.93 9.03
CA GLY A 47 -3.71 2.31 10.34
C GLY A 47 -3.37 3.25 11.46
N VAL A 48 -2.78 4.40 11.13
CA VAL A 48 -2.46 5.44 12.11
C VAL A 48 -3.03 6.76 11.60
N ASP A 49 -3.80 7.44 12.45
CA ASP A 49 -4.35 8.73 12.10
C ASP A 49 -3.28 9.81 12.26
N PRO A 50 -2.86 10.48 11.19
CA PRO A 50 -1.83 11.53 11.33
C PRO A 50 -2.30 12.73 12.14
N ALA A 51 -3.62 12.92 12.30
CA ALA A 51 -4.12 14.05 13.07
C ALA A 51 -4.03 13.82 14.58
N THR A 52 -3.92 12.57 15.02
CA THR A 52 -3.91 12.23 16.42
C THR A 52 -2.78 11.33 16.85
N GLY A 53 -2.20 10.53 15.95
CA GLY A 53 -1.22 9.54 16.34
C GLY A 53 -1.81 8.27 16.88
N LYS A 54 -3.12 8.05 16.71
CA LYS A 54 -3.82 6.90 17.25
C LYS A 54 -3.97 5.82 16.18
N VAL A 55 -3.85 4.57 16.60
CA VAL A 55 -4.04 3.44 15.69
C VAL A 55 -5.51 3.34 15.32
N ILE A 56 -5.81 3.33 14.02
CA ILE A 56 -7.17 3.32 13.54
C ILE A 56 -7.53 2.04 12.79
N ASP A 57 -6.56 1.15 12.53
CA ASP A 57 -6.83 -0.16 11.95
C ASP A 57 -7.69 -0.98 12.90
N VAL A 58 -8.97 -1.16 12.57
CA VAL A 58 -9.91 -1.83 13.47
C VAL A 58 -9.58 -3.31 13.65
N HIS A 59 -8.74 -3.88 12.79
CA HIS A 59 -8.38 -5.29 12.89
C HIS A 59 -7.00 -5.50 13.49
N HIS A 60 -6.35 -4.44 13.95
CA HIS A 60 -5.03 -4.53 14.56
C HIS A 60 -5.15 -4.56 16.09
N PRO A 61 -4.29 -5.33 16.74
CA PRO A 61 -4.35 -5.41 18.22
C PRO A 61 -4.13 -4.07 18.91
N LEU A 62 -3.39 -3.14 18.31
CA LEU A 62 -3.10 -1.86 18.93
C LEU A 62 -4.17 -0.81 18.67
N HIS A 63 -5.34 -1.21 18.18
CA HIS A 63 -6.36 -0.24 17.79
C HIS A 63 -6.78 0.61 18.99
N GLY A 64 -6.85 1.93 18.77
CA GLY A 64 -7.20 2.87 19.81
C GLY A 64 -6.03 3.42 20.60
N ILE A 65 -4.87 2.76 20.55
CA ILE A 65 -3.70 3.21 21.28
C ILE A 65 -3.10 4.42 20.59
N CYS A 66 -2.72 5.43 21.37
CA CYS A 66 -1.98 6.57 20.85
C CYS A 66 -0.49 6.29 20.96
N LEU A 67 0.20 6.39 19.84
CA LEU A 67 1.61 6.01 19.77
C LEU A 67 2.56 7.15 20.11
N THR A 68 2.07 8.36 20.33
CA THR A 68 2.93 9.51 20.52
C THR A 68 3.86 9.31 21.70
N GLY A 69 5.15 9.59 21.49
CA GLY A 69 6.16 9.50 22.52
C GLY A 69 6.59 8.10 22.91
N GLY A 70 5.88 7.07 22.47
CA GLY A 70 6.25 5.72 22.82
C GLY A 70 7.29 5.15 21.88
N VAL A 71 7.87 4.03 22.30
CA VAL A 71 8.80 3.27 21.48
C VAL A 71 8.02 2.09 20.91
N LEU A 72 7.76 2.14 19.60
CA LEU A 72 6.90 1.15 18.95
C LEU A 72 7.70 -0.11 18.64
N PHE A 73 7.26 -1.24 19.19
CA PHE A 73 7.84 -2.55 18.94
C PHE A 73 6.88 -3.31 18.02
N MET A 74 7.29 -3.53 16.78
CA MET A 74 6.55 -4.41 15.89
C MET A 74 7.53 -5.07 14.95
N PRO A 75 7.24 -6.31 14.50
CA PRO A 75 8.24 -7.03 13.69
C PRO A 75 8.67 -6.26 12.45
N THR A 76 7.72 -5.77 11.66
CA THR A 76 7.99 -4.93 10.52
C THR A 76 6.71 -4.19 10.16
N SER A 77 6.72 -3.48 9.05
CA SER A 77 5.52 -2.81 8.57
C SER A 77 4.79 -3.70 7.57
N ARG A 78 3.56 -3.30 7.25
CA ARG A 78 2.78 -3.97 6.22
C ARG A 78 1.96 -2.91 5.50
N GLY A 79 1.31 -3.32 4.41
CA GLY A 79 0.36 -2.47 3.75
C GLY A 79 0.94 -1.39 2.86
N SER A 80 0.60 -0.14 3.16
CA SER A 80 0.72 0.95 2.19
C SER A 80 2.12 1.52 2.11
N CYS A 81 2.51 1.88 0.88
CA CYS A 81 3.74 2.64 0.64
C CYS A 81 3.65 4.05 1.22
N THR A 82 2.43 4.52 1.50
CA THR A 82 2.19 5.88 1.97
C THR A 82 2.49 6.04 3.46
N GLY A 83 2.81 4.94 4.16
CA GLY A 83 3.20 5.06 5.55
C GLY A 83 4.38 5.98 5.78
N SER A 84 5.22 6.16 4.76
CA SER A 84 6.37 7.06 4.91
C SER A 84 5.93 8.50 5.10
N GLY A 85 4.95 8.94 4.29
CA GLY A 85 4.44 10.30 4.45
C GLY A 85 3.71 10.50 5.77
N VAL A 86 3.00 9.46 6.22
CA VAL A 86 2.31 9.55 7.51
C VAL A 86 3.32 9.69 8.64
N LEU A 87 4.36 8.86 8.64
CA LEU A 87 5.37 8.96 9.69
C LEU A 87 6.09 10.30 9.64
N LEU A 88 6.41 10.78 8.43
CA LEU A 88 7.07 12.07 8.30
C LEU A 88 6.23 13.20 8.90
N ASP A 89 4.92 13.19 8.61
CA ASP A 89 4.05 14.20 9.19
C ASP A 89 4.00 14.08 10.70
N LEU A 90 3.84 12.85 11.21
CA LEU A 90 3.84 12.63 12.65
C LEU A 90 5.13 13.12 13.29
N ILE A 91 6.25 13.01 12.58
CA ILE A 91 7.52 13.51 13.09
C ILE A 91 7.54 15.04 13.08
N LEU A 92 6.96 15.64 12.04
CA LEU A 92 6.98 17.10 11.93
C LEU A 92 6.04 17.76 12.93
N THR A 93 5.00 17.06 13.38
CA THR A 93 4.03 17.61 14.31
C THR A 93 4.26 17.16 15.75
N GLY A 94 5.25 16.33 15.99
CA GLY A 94 5.54 15.85 17.33
C GLY A 94 4.62 14.76 17.84
N ARG A 95 3.74 14.23 17.00
CA ARG A 95 2.83 13.17 17.40
C ARG A 95 3.38 11.78 17.12
N ALA A 96 4.56 11.68 16.52
CA ALA A 96 5.13 10.41 16.17
C ALA A 96 5.52 9.62 17.42
N PRO A 97 5.70 8.31 17.30
CA PRO A 97 6.39 7.57 18.36
C PRO A 97 7.80 8.11 18.53
N SER A 98 8.37 7.88 19.71
CA SER A 98 9.72 8.37 19.97
C SER A 98 10.75 7.58 19.16
N ALA A 99 10.48 6.31 18.88
CA ALA A 99 11.41 5.49 18.12
C ALA A 99 10.68 4.28 17.57
N LEU A 100 11.38 3.55 16.70
CA LEU A 100 10.85 2.35 16.06
C LEU A 100 11.84 1.21 16.22
N VAL A 101 11.36 0.07 16.69
CA VAL A 101 12.16 -1.13 16.83
C VAL A 101 11.50 -2.25 16.03
N PHE A 102 12.24 -2.81 15.08
CA PHE A 102 11.80 -3.94 14.29
C PHE A 102 12.63 -5.17 14.63
N CYS A 103 12.20 -6.32 14.10
CA CYS A 103 12.97 -7.54 14.17
C CYS A 103 13.24 -8.15 12.80
N GLU A 104 12.85 -7.47 11.73
CA GLU A 104 13.06 -7.93 10.36
C GLU A 104 13.39 -6.71 9.49
N ALA A 105 13.61 -6.97 8.21
CA ALA A 105 13.80 -5.87 7.26
C ALA A 105 12.54 -5.00 7.21
N GLU A 106 12.74 -3.73 6.94
CA GLU A 106 11.65 -2.77 6.83
C GLU A 106 12.10 -1.62 5.94
N ASP A 107 11.18 -1.11 5.13
CA ASP A 107 11.50 -0.03 4.20
C ASP A 107 10.64 1.21 4.37
N VAL A 108 9.32 1.05 4.56
CA VAL A 108 8.40 2.17 4.45
C VAL A 108 8.64 3.18 5.56
N LEU A 109 8.57 2.73 6.81
CA LEU A 109 8.77 3.66 7.92
C LEU A 109 10.21 4.13 7.99
N THR A 110 11.17 3.23 7.75
CA THR A 110 12.57 3.61 7.74
C THR A 110 12.85 4.71 6.72
N LEU A 111 12.24 4.60 5.54
CA LEU A 111 12.40 5.65 4.54
C LEU A 111 11.80 6.97 5.03
N GLY A 112 10.64 6.90 5.67
CA GLY A 112 10.03 8.13 6.19
C GLY A 112 10.92 8.82 7.20
N ALA A 113 11.49 8.04 8.14
CA ALA A 113 12.41 8.62 9.11
C ALA A 113 13.70 9.07 8.44
N LEU A 114 14.11 8.41 7.36
CA LEU A 114 15.29 8.83 6.62
C LEU A 114 15.09 10.17 5.93
N VAL A 115 13.90 10.38 5.34
CA VAL A 115 13.60 11.67 4.73
C VAL A 115 13.54 12.76 5.79
N ALA A 116 13.04 12.42 6.98
CA ALA A 116 12.99 13.40 8.07
C ALA A 116 14.38 13.87 8.46
N ALA A 117 15.33 12.94 8.56
CA ALA A 117 16.70 13.32 8.92
C ALA A 117 17.39 14.07 7.79
N GLU A 118 17.17 13.65 6.54
CA GLU A 118 17.89 14.23 5.43
C GLU A 118 17.37 15.62 5.08
N MET A 119 16.06 15.80 5.06
CA MET A 119 15.46 17.02 4.54
C MET A 119 14.75 17.87 5.58
N PHE A 120 14.55 17.36 6.82
CA PHE A 120 13.65 18.05 7.75
C PHE A 120 14.10 18.16 9.20
N ASP A 121 15.30 17.68 9.56
CA ASP A 121 15.98 17.93 10.84
C ASP A 121 15.67 16.97 11.95
N LYS A 122 14.68 16.15 11.76
CA LYS A 122 14.15 15.42 12.87
C LYS A 122 14.67 14.01 12.74
N ALA A 123 15.41 13.59 13.75
CA ALA A 123 16.05 12.29 13.79
C ALA A 123 15.16 11.42 14.65
N LEU A 124 14.58 10.41 14.03
CA LEU A 124 13.87 9.38 14.75
C LEU A 124 14.72 8.12 14.69
N PRO A 125 15.12 7.54 15.82
CA PRO A 125 15.96 6.34 15.77
C PRO A 125 15.17 5.11 15.37
N VAL A 126 15.79 4.28 14.55
CA VAL A 126 15.24 3.00 14.13
C VAL A 126 16.29 1.91 14.38
N ILE A 127 15.90 0.87 15.10
CA ILE A 127 16.79 -0.23 15.48
C ILE A 127 16.15 -1.54 15.07
N ARG A 128 16.96 -2.44 14.50
CA ARG A 128 16.55 -3.81 14.22
C ARG A 128 17.21 -4.74 15.24
N LEU A 129 16.39 -5.56 15.90
CA LEU A 129 16.86 -6.50 16.90
C LEU A 129 16.85 -7.91 16.34
N ASP A 130 17.52 -8.82 17.04
CA ASP A 130 17.27 -10.23 16.81
C ASP A 130 15.89 -10.58 17.36
N THR A 131 15.35 -11.71 16.90
CA THR A 131 13.98 -12.06 17.23
C THR A 131 13.78 -12.22 18.74
N GLU A 132 14.69 -12.94 19.40
CA GLU A 132 14.48 -13.25 20.80
C GLU A 132 14.70 -12.06 21.71
N THR A 133 15.67 -11.18 21.38
CA THR A 133 15.76 -9.93 22.13
C THR A 133 14.61 -8.98 21.80
N PHE A 134 14.03 -9.11 20.60
CA PHE A 134 12.81 -8.38 20.31
C PHE A 134 11.67 -8.83 21.21
N ALA A 135 11.50 -10.16 21.35
CA ALA A 135 10.45 -10.68 22.22
C ALA A 135 10.71 -10.33 23.69
N ARG A 136 11.98 -10.36 24.10
CA ARG A 136 12.33 -10.01 25.47
C ARG A 136 12.02 -8.55 25.75
N PHE A 137 12.46 -7.66 24.87
CA PHE A 137 12.28 -6.23 25.08
C PHE A 137 10.84 -5.78 24.85
N SER A 138 10.03 -6.57 24.15
CA SER A 138 8.66 -6.17 23.89
C SER A 138 7.81 -6.25 25.15
N ARG A 139 8.01 -7.30 25.96
CA ARG A 139 7.30 -7.41 27.23
C ARG A 139 7.79 -6.44 28.29
N ALA A 140 8.74 -5.56 27.96
CA ALA A 140 9.22 -4.56 28.89
C ALA A 140 8.17 -3.47 29.09
N ALA A 141 8.49 -2.52 29.96
CA ALA A 141 7.60 -1.40 30.25
C ALA A 141 8.16 -0.05 29.87
N HIS A 142 9.48 0.10 29.79
CA HIS A 142 10.11 1.37 29.47
C HIS A 142 11.41 1.08 28.73
N VAL A 143 11.72 1.92 27.74
CA VAL A 143 12.89 1.70 26.89
C VAL A 143 13.52 3.05 26.58
N ARG A 144 14.85 3.08 26.49
CA ARG A 144 15.59 4.27 26.15
C ARG A 144 16.69 3.93 25.17
N ILE A 145 16.99 4.88 24.27
CA ILE A 145 17.96 4.68 23.21
C ILE A 145 18.92 5.85 23.15
N ASP A 146 20.15 5.56 22.72
CA ASP A 146 21.09 6.58 22.26
C ASP A 146 21.93 5.96 21.14
N GLN A 147 22.95 6.69 20.72
CA GLN A 147 23.85 6.20 19.68
C GLN A 147 24.61 4.94 20.12
N ASN A 148 24.66 4.66 21.43
CA ASN A 148 25.43 3.56 21.98
C ASN A 148 24.57 2.35 22.32
N THR A 149 23.49 2.58 23.05
CA THR A 149 22.85 1.57 23.88
C THR A 149 21.33 1.66 23.75
N ILE A 150 20.66 0.55 24.03
CA ILE A 150 19.22 0.55 24.23
C ILE A 150 18.92 -0.19 25.52
N LYS A 151 18.15 0.45 26.39
CA LYS A 151 17.83 -0.08 27.71
C LYS A 151 16.38 -0.54 27.73
N ALA A 152 16.14 -1.72 28.28
CA ALA A 152 14.79 -2.24 28.47
C ALA A 152 14.61 -2.42 29.97
N ASP A 153 14.34 -1.30 30.66
CA ASP A 153 14.13 -1.21 32.10
C ASP A 153 15.45 -1.23 32.87
N GLY A 154 16.58 -1.09 32.20
CA GLY A 154 17.82 -1.40 32.85
C GLY A 154 18.28 -2.80 32.51
N VAL A 155 18.32 -3.08 31.20
CA VAL A 155 19.03 -4.22 30.66
C VAL A 155 19.76 -3.69 29.42
N SER A 156 20.82 -2.92 29.65
CA SER A 156 21.49 -2.23 28.57
C SER A 156 22.06 -3.22 27.56
N LEU A 157 21.91 -2.91 26.28
CA LEU A 157 22.44 -3.72 25.20
C LEU A 157 23.16 -2.83 24.20
N ALA A 158 24.30 -3.32 23.72
CA ALA A 158 25.10 -2.61 22.73
C ALA A 158 24.36 -2.53 21.41
N VAL A 159 24.39 -1.35 20.79
CA VAL A 159 23.79 -1.11 19.48
C VAL A 159 24.92 -0.96 18.48
N ALA A 160 25.03 -1.93 17.56
CA ALA A 160 26.04 -1.86 16.53
C ALA A 160 25.75 -0.70 15.57
N PRO A 161 26.78 -0.05 15.05
CA PRO A 161 26.57 1.15 14.21
C PRO A 161 25.85 0.79 12.92
N PRO A 162 25.35 1.79 12.19
CA PRO A 162 24.69 1.51 10.91
C PRO A 162 25.63 0.82 9.93
N ALA A 163 25.02 0.08 9.00
CA ALA A 163 25.78 -0.69 8.03
C ALA A 163 26.51 0.22 7.05
N THR A 164 27.79 -0.06 6.82
CA THR A 164 28.56 0.68 5.85
C THR A 164 28.06 0.40 4.45
N ALA A 165 27.90 1.45 3.65
CA ALA A 165 27.52 1.30 2.25
C ALA A 165 28.69 0.71 1.48
N HIS A 166 28.63 -0.59 1.21
CA HIS A 166 29.61 -1.24 0.35
C HIS A 166 29.06 -1.39 -1.08
N LEU A 167 28.75 -0.24 -1.69
CA LEU A 167 28.04 -0.20 -2.98
C LEU A 167 28.95 0.15 -4.15
N ASP A 168 28.64 -0.40 -5.33
CA ASP A 168 29.16 0.09 -6.60
C ASP A 168 28.45 1.41 -6.93
N LEU A 169 29.22 2.41 -7.34
CA LEU A 169 28.69 3.60 -7.98
C LEU A 169 29.36 3.75 -9.34
N THR A 170 28.56 3.68 -10.39
CA THR A 170 29.03 4.05 -11.71
C THR A 170 29.50 5.51 -11.69
N ASP A 171 30.20 5.89 -12.75
CA ASP A 171 30.65 7.28 -12.87
C ASP A 171 29.46 8.24 -12.86
N ASP A 172 28.36 7.85 -13.51
CA ASP A 172 27.16 8.69 -13.51
C ASP A 172 26.48 8.70 -12.14
N ASP A 173 26.57 7.59 -11.40
CA ASP A 173 26.09 7.57 -10.02
C ASP A 173 26.84 8.60 -9.16
N ARG A 174 28.17 8.55 -9.19
CA ARG A 174 28.97 9.49 -8.41
C ARG A 174 28.75 10.93 -8.86
N ALA A 175 28.57 11.13 -10.17
CA ALA A 175 28.35 12.47 -10.69
C ALA A 175 27.05 13.06 -10.16
N MET A 176 25.98 12.26 -10.17
CA MET A 176 24.73 12.71 -9.56
C MET A 176 24.90 12.96 -8.08
N LEU A 177 25.63 12.08 -7.40
CA LEU A 177 25.87 12.23 -5.97
C LEU A 177 26.74 13.44 -5.65
N GLU A 178 27.59 13.85 -6.60
CA GLU A 178 28.43 15.02 -6.43
C GLU A 178 27.70 16.32 -6.78
N GLY A 179 26.44 16.23 -7.22
CA GLY A 179 25.67 17.41 -7.54
C GLY A 179 25.79 17.90 -8.97
N ARG A 180 26.37 17.11 -9.87
CA ARG A 180 26.56 17.56 -11.25
C ARG A 180 25.25 17.65 -12.03
N ASP A 181 24.15 17.13 -11.48
CA ASP A 181 22.83 17.27 -12.08
C ASP A 181 21.90 18.13 -11.23
N GLY A 182 22.44 18.87 -10.28
CA GLY A 182 21.64 19.72 -9.41
C GLY A 182 21.41 19.11 -8.04
N ILE A 183 20.91 19.94 -7.14
CA ILE A 183 20.79 19.55 -5.74
C ILE A 183 19.65 18.56 -5.55
N ALA A 184 18.56 18.72 -6.30
CA ALA A 184 17.44 17.79 -6.18
C ALA A 184 17.87 16.37 -6.53
N VAL A 185 18.56 16.22 -7.67
CA VAL A 185 19.03 14.89 -8.08
C VAL A 185 20.02 14.35 -7.06
N ARG A 186 20.87 15.20 -6.49
CA ARG A 186 21.80 14.75 -5.48
C ARG A 186 21.08 14.26 -4.23
N GLN A 187 20.08 15.02 -3.77
CA GLN A 187 19.32 14.59 -2.61
C GLN A 187 18.60 13.27 -2.87
N ALA A 188 18.14 13.06 -4.10
CA ALA A 188 17.53 11.78 -4.44
C ALA A 188 18.56 10.65 -4.34
N MET A 189 19.76 10.86 -4.90
CA MET A 189 20.80 9.83 -4.84
C MET A 189 21.21 9.54 -3.40
N ARG A 190 21.31 10.59 -2.56
CA ARG A 190 21.66 10.37 -1.16
C ARG A 190 20.66 9.45 -0.47
N ILE A 191 19.37 9.66 -0.72
CA ILE A 191 18.34 8.82 -0.11
C ILE A 191 18.41 7.40 -0.67
N ILE A 192 18.60 7.27 -1.99
CA ILE A 192 18.68 5.95 -2.60
C ILE A 192 19.89 5.18 -2.07
N VAL A 193 21.04 5.85 -1.96
CA VAL A 193 22.24 5.18 -1.49
C VAL A 193 22.10 4.76 -0.03
N ALA A 194 21.46 5.61 0.79
CA ALA A 194 21.23 5.24 2.18
C ALA A 194 20.26 4.07 2.30
N MET A 195 19.21 4.06 1.47
CA MET A 195 18.29 2.93 1.47
C MET A 195 18.99 1.66 0.99
N ALA A 196 19.86 1.79 -0.02
CA ALA A 196 20.61 0.63 -0.48
C ALA A 196 21.54 0.10 0.60
N ALA A 197 22.09 0.99 1.43
CA ALA A 197 23.01 0.57 2.48
C ALA A 197 22.29 -0.23 3.56
N GLN A 198 21.12 0.25 4.01
CA GLN A 198 20.37 -0.48 5.02
C GLN A 198 19.76 -1.75 4.47
N GLN A 199 19.58 -1.86 3.15
CA GLN A 199 19.13 -3.09 2.52
C GLN A 199 20.27 -4.05 2.20
N GLY A 200 21.50 -3.69 2.56
CA GLY A 200 22.64 -4.54 2.26
C GLY A 200 22.90 -4.74 0.79
N ALA A 201 22.50 -3.79 -0.05
CA ALA A 201 22.74 -3.90 -1.48
C ALA A 201 24.24 -3.77 -1.78
N SER A 202 24.61 -4.10 -3.01
CA SER A 202 25.97 -3.93 -3.48
C SER A 202 26.06 -3.06 -4.73
N ALA A 203 24.92 -2.67 -5.30
CA ALA A 203 24.91 -1.83 -6.49
C ALA A 203 23.52 -1.23 -6.65
N LEU A 204 23.41 -0.29 -7.59
CA LEU A 204 22.13 0.21 -8.06
C LEU A 204 21.78 -0.46 -9.37
N VAL A 205 20.51 -0.36 -9.75
CA VAL A 205 20.02 -0.96 -10.99
C VAL A 205 19.22 0.10 -11.75
N ASP A 206 19.35 0.10 -13.07
CA ASP A 206 18.54 0.97 -13.91
C ASP A 206 17.08 0.56 -13.84
N VAL A 207 16.19 1.56 -13.88
CA VAL A 207 14.77 1.31 -14.04
C VAL A 207 14.31 2.01 -15.31
N THR A 208 13.34 1.39 -15.99
CA THR A 208 12.86 1.90 -17.26
C THR A 208 11.70 2.88 -17.12
N GLN A 209 10.99 2.85 -16.00
CA GLN A 209 9.86 3.73 -15.78
C GLN A 209 9.57 3.78 -14.29
N GLY A 210 8.76 4.76 -13.89
CA GLY A 210 8.39 4.92 -12.51
C GLY A 210 6.90 5.08 -12.34
N HIS A 211 6.44 4.91 -11.11
CA HIS A 211 5.06 5.17 -10.74
C HIS A 211 5.06 5.79 -9.35
N ILE A 212 4.56 7.03 -9.25
CA ILE A 212 4.65 7.82 -8.03
C ILE A 212 3.37 7.63 -7.23
N ASP A 213 3.53 7.34 -5.94
CA ASP A 213 2.41 7.08 -5.05
C ASP A 213 2.18 8.18 -4.01
N GLY A 214 3.20 8.98 -3.71
CA GLY A 214 3.08 10.05 -2.74
C GLY A 214 2.21 11.21 -3.19
N CYS A 215 1.57 11.08 -4.36
CA CYS A 215 0.66 12.13 -4.82
C CYS A 215 -0.69 12.08 -4.10
N ILE A 216 -0.92 11.11 -3.24
CA ILE A 216 -2.10 11.12 -2.38
C ILE A 216 -1.83 12.08 -1.23
N TYR A 217 -2.86 12.86 -0.87
CA TYR A 217 -2.74 13.86 0.19
C TYR A 217 -3.09 13.22 1.53
N ALA A 218 -2.24 12.26 1.92
CA ALA A 218 -2.44 11.56 3.19
C ALA A 218 -2.08 12.41 4.39
N SER A 219 -1.32 13.48 4.20
CA SER A 219 -0.88 14.35 5.28
C SER A 219 -0.28 15.61 4.66
N PRO A 220 -0.23 16.71 5.42
CA PRO A 220 0.42 17.92 4.89
C PRO A 220 1.87 17.71 4.49
N ALA A 221 2.60 16.84 5.18
CA ALA A 221 4.00 16.61 4.85
C ALA A 221 4.16 16.04 3.45
N ASN A 222 3.17 15.30 2.96
CA ASN A 222 3.22 14.82 1.58
C ASN A 222 3.36 15.98 0.60
N LEU A 223 2.62 17.07 0.84
CA LEU A 223 2.75 18.25 -0.01
C LEU A 223 4.07 18.97 0.24
N THR A 224 4.49 19.05 1.51
CA THR A 224 5.74 19.73 1.83
C THR A 224 6.92 19.09 1.11
N PHE A 225 6.96 17.75 1.07
CA PHE A 225 8.07 17.06 0.41
C PHE A 225 8.06 17.32 -1.09
N ALA A 226 6.89 17.26 -1.72
CA ALA A 226 6.81 17.43 -3.16
C ALA A 226 7.22 18.86 -3.56
N GLU A 227 6.75 19.86 -2.84
CA GLU A 227 7.11 21.24 -3.17
C GLU A 227 8.59 21.51 -2.91
N LYS A 228 9.14 20.90 -1.86
CA LYS A 228 10.56 21.08 -1.58
C LYS A 228 11.42 20.45 -2.68
N MET A 229 11.00 19.28 -3.17
CA MET A 229 11.74 18.66 -4.27
C MET A 229 11.53 19.41 -5.58
N ALA A 230 10.35 19.97 -5.80
CA ALA A 230 10.09 20.70 -7.03
C ALA A 230 10.80 22.05 -7.03
N ASP A 231 10.84 22.73 -5.89
CA ASP A 231 11.52 24.02 -5.81
C ASP A 231 13.03 23.88 -5.85
N MET A 232 13.57 22.69 -5.61
CA MET A 232 14.98 22.42 -5.76
C MET A 232 15.35 22.04 -7.19
N GLY A 233 14.39 22.04 -8.11
CA GLY A 233 14.64 21.71 -9.49
C GLY A 233 14.29 20.30 -9.92
N GLY A 234 13.57 19.55 -9.09
CA GLY A 234 13.27 18.16 -9.38
C GLY A 234 12.55 17.91 -10.68
N LYS A 235 13.04 16.92 -11.43
CA LYS A 235 12.39 16.44 -12.65
C LYS A 235 12.68 14.95 -12.77
N VAL A 236 11.71 14.21 -13.30
CA VAL A 236 11.90 12.77 -13.48
C VAL A 236 12.74 12.53 -14.72
N ARG A 237 13.52 11.44 -14.70
CA ARG A 237 14.38 11.08 -15.81
C ARG A 237 13.80 9.97 -16.68
N VAL A 238 12.94 9.13 -16.12
CA VAL A 238 12.29 8.05 -16.86
C VAL A 238 10.80 8.35 -16.92
N PRO A 239 10.07 7.81 -17.91
CA PRO A 239 8.61 8.00 -17.93
C PRO A 239 7.99 7.53 -16.63
N SER A 240 7.25 8.42 -15.98
CA SER A 240 6.71 8.16 -14.65
C SER A 240 5.24 8.49 -14.62
N THR A 241 4.41 7.52 -14.26
CA THR A 241 2.98 7.73 -14.10
C THR A 241 2.68 8.13 -12.65
N MET A 242 1.42 8.48 -12.40
CA MET A 242 0.98 8.97 -11.11
C MET A 242 -0.16 8.09 -10.58
N ASN A 243 -0.10 7.79 -9.29
CA ASN A 243 -1.11 6.97 -8.63
C ASN A 243 -2.37 7.81 -8.39
N ALA A 244 -3.31 7.26 -7.64
CA ALA A 244 -4.53 7.99 -7.30
C ALA A 244 -4.20 9.21 -6.46
N ILE A 245 -5.03 10.25 -6.62
CA ILE A 245 -4.88 11.48 -5.86
C ILE A 245 -6.11 11.67 -4.98
N SER A 246 -6.12 12.71 -4.16
CA SER A 246 -7.17 12.90 -3.17
C SER A 246 -8.22 13.92 -3.60
N VAL A 247 -8.23 14.34 -4.86
CA VAL A 247 -9.32 15.13 -5.41
C VAL A 247 -9.68 14.59 -6.79
N ASP A 248 -10.97 14.65 -7.11
CA ASP A 248 -11.39 14.64 -8.51
C ASP A 248 -10.81 15.91 -9.12
N LYS A 249 -9.70 15.78 -9.84
CA LYS A 249 -8.86 16.93 -10.17
C LYS A 249 -9.65 18.01 -10.91
N ALA A 250 -10.54 17.62 -11.82
CA ALA A 250 -11.26 18.57 -12.64
C ALA A 250 -12.54 19.10 -12.00
N ASN A 251 -13.05 18.45 -10.95
CA ASN A 251 -14.40 18.73 -10.46
C ASN A 251 -14.52 18.96 -8.96
N TRP A 252 -13.43 18.90 -8.20
CA TRP A 252 -13.56 18.89 -6.75
C TRP A 252 -14.13 20.20 -6.20
N ARG A 253 -13.88 21.32 -6.88
CA ARG A 253 -14.47 22.58 -6.46
C ARG A 253 -15.98 22.55 -6.59
N ALA A 254 -16.48 22.10 -7.75
CA ALA A 254 -17.93 21.98 -7.94
C ALA A 254 -18.54 20.91 -7.06
N GLN A 255 -17.75 19.91 -6.65
CA GLN A 255 -18.26 18.86 -5.77
C GLN A 255 -18.41 19.34 -4.32
N GLY A 256 -17.93 20.53 -3.99
CA GLY A 256 -18.05 21.02 -2.63
C GLY A 256 -16.98 20.54 -1.69
N VAL A 257 -15.91 19.93 -2.19
CA VAL A 257 -14.80 19.55 -1.33
C VAL A 257 -14.24 20.81 -0.66
N PRO A 258 -14.06 20.82 0.65
CA PRO A 258 -13.60 22.04 1.34
C PRO A 258 -12.27 22.53 0.77
N GLU A 259 -12.15 23.86 0.66
CA GLU A 259 -10.93 24.46 0.12
C GLU A 259 -9.72 24.13 0.99
N ASP A 260 -9.92 23.98 2.31
CA ASP A 260 -8.80 23.67 3.19
C ASP A 260 -8.15 22.34 2.84
N PHE A 261 -8.91 21.41 2.28
CA PHE A 261 -8.42 20.10 1.89
C PHE A 261 -8.10 20.02 0.40
N GLY A 262 -9.04 20.44 -0.45
CA GLY A 262 -8.87 20.27 -1.89
C GLY A 262 -7.76 21.10 -2.48
N ASP A 263 -7.52 22.30 -1.94
CA ASP A 263 -6.47 23.15 -2.50
C ASP A 263 -5.08 22.53 -2.31
N PRO A 264 -4.65 22.15 -1.10
CA PRO A 264 -3.34 21.47 -1.01
C PRO A 264 -3.33 20.11 -1.69
N ALA A 265 -4.47 19.41 -1.72
CA ALA A 265 -4.51 18.12 -2.41
C ALA A 265 -4.30 18.30 -3.90
N ALA A 266 -4.93 19.30 -4.50
CA ALA A 266 -4.71 19.58 -5.92
C ALA A 266 -3.31 20.10 -6.18
N ARG A 267 -2.79 20.92 -5.27
CA ARG A 267 -1.42 21.42 -5.43
C ARG A 267 -0.40 20.29 -5.34
N LEU A 268 -0.68 19.28 -4.51
CA LEU A 268 0.21 18.12 -4.43
C LEU A 268 0.28 17.40 -5.77
N ALA A 269 -0.88 17.11 -6.37
CA ALA A 269 -0.88 16.50 -7.69
C ALA A 269 -0.21 17.40 -8.72
N ASP A 270 -0.39 18.72 -8.59
CA ASP A 270 0.24 19.66 -9.51
C ASP A 270 1.75 19.60 -9.42
N ALA A 271 2.29 19.43 -8.21
CA ALA A 271 3.74 19.43 -8.03
C ALA A 271 4.40 18.31 -8.83
N TYR A 272 3.81 17.13 -8.83
CA TYR A 272 4.39 16.00 -9.55
C TYR A 272 4.23 16.14 -11.06
N VAL A 273 3.11 16.72 -11.52
CA VAL A 273 2.93 16.95 -12.96
C VAL A 273 3.98 17.93 -13.45
N ARG A 274 4.27 18.93 -12.63
CA ARG A 274 5.30 19.89 -12.97
C ARG A 274 6.67 19.25 -13.07
N MET A 275 6.94 18.29 -12.22
CA MET A 275 8.20 17.56 -12.25
C MET A 275 8.23 16.50 -13.33
N GLY A 276 7.27 16.51 -14.27
CA GLY A 276 7.33 15.68 -15.45
C GLY A 276 6.56 14.38 -15.39
N CYS A 277 5.85 14.11 -14.29
CA CYS A 277 5.08 12.87 -14.18
C CYS A 277 3.81 12.97 -15.01
N ARG A 278 3.41 11.85 -15.59
CA ARG A 278 2.19 11.82 -16.40
C ARG A 278 0.96 11.85 -15.48
N PRO A 279 -0.01 12.73 -15.73
CA PRO A 279 -1.17 12.85 -14.84
C PRO A 279 -2.20 11.73 -15.06
N THR A 280 -1.77 10.49 -14.87
CA THR A 280 -2.65 9.35 -15.05
C THR A 280 -3.62 9.17 -13.89
N PHE A 281 -3.22 9.61 -12.69
CA PHE A 281 -4.08 9.60 -11.51
C PHE A 281 -4.79 8.26 -11.31
N THR A 282 -4.03 7.17 -11.30
CA THR A 282 -4.69 5.87 -11.21
C THR A 282 -3.86 4.88 -10.40
N CYS A 283 -4.53 4.12 -9.55
CA CYS A 283 -3.89 3.08 -8.77
C CYS A 283 -3.89 1.73 -9.48
N SER A 284 -4.25 1.71 -10.77
CA SER A 284 -4.09 0.52 -11.60
C SER A 284 -3.29 0.87 -12.86
N PRO A 285 -2.03 1.29 -12.70
CA PRO A 285 -1.24 1.68 -13.88
C PRO A 285 -0.86 0.51 -14.77
N TYR A 286 -0.93 -0.72 -14.25
CA TYR A 286 -0.72 -1.92 -15.05
C TYR A 286 -1.79 -2.13 -16.10
N LEU A 287 -2.88 -1.33 -16.06
CA LEU A 287 -3.90 -1.37 -17.09
C LEU A 287 -3.66 -0.36 -18.21
N LEU A 288 -2.68 0.53 -18.05
CA LEU A 288 -2.36 1.52 -19.07
C LEU A 288 -1.57 0.87 -20.21
N ASP A 289 -1.59 1.55 -21.37
CA ASP A 289 -0.81 1.07 -22.51
C ASP A 289 0.68 1.03 -22.20
N SER A 290 1.14 1.82 -21.23
CA SER A 290 2.54 1.88 -20.86
C SER A 290 2.93 0.82 -19.83
N ALA A 291 2.09 -0.17 -19.60
CA ALA A 291 2.37 -1.17 -18.58
C ALA A 291 3.63 -1.94 -18.94
N PRO A 292 4.47 -2.29 -17.95
CA PRO A 292 5.69 -3.03 -18.24
C PRO A 292 5.39 -4.51 -18.51
N SER A 293 6.39 -5.17 -19.08
CA SER A 293 6.30 -6.59 -19.40
C SER A 293 7.29 -7.38 -18.56
N ALA A 294 7.32 -8.69 -18.80
CA ALA A 294 8.11 -9.59 -17.96
C ALA A 294 9.60 -9.28 -18.03
N GLY A 295 10.27 -9.41 -16.89
CA GLY A 295 11.70 -9.18 -16.80
C GLY A 295 12.11 -7.72 -16.74
N GLU A 296 11.17 -6.79 -16.93
CA GLU A 296 11.49 -5.38 -16.98
C GLU A 296 11.70 -4.82 -15.58
N SER A 297 12.81 -4.12 -15.37
CA SER A 297 13.10 -3.51 -14.07
C SER A 297 12.48 -2.11 -14.02
N ILE A 298 11.52 -1.92 -13.11
CA ILE A 298 10.83 -0.65 -12.97
C ILE A 298 10.97 -0.17 -11.53
N GLY A 299 10.59 1.08 -11.30
CA GLY A 299 10.59 1.63 -9.95
C GLY A 299 9.20 2.10 -9.58
N TRP A 300 8.41 1.21 -8.97
CA TRP A 300 7.01 1.48 -8.69
C TRP A 300 6.77 1.59 -7.18
N ALA A 301 5.90 2.51 -6.81
CA ALA A 301 5.23 2.52 -5.51
C ALA A 301 3.76 2.20 -5.73
N GLU A 302 2.98 2.24 -4.63
CA GLU A 302 1.61 1.73 -4.53
C GLU A 302 1.65 0.21 -4.44
N SER A 303 1.24 -0.32 -3.29
CA SER A 303 1.49 -1.72 -2.97
C SER A 303 0.76 -2.66 -3.92
N ASN A 304 -0.49 -2.34 -4.29
CA ASN A 304 -1.22 -3.24 -5.18
C ASN A 304 -0.56 -3.30 -6.55
N ALA A 305 -0.06 -2.15 -7.03
CA ALA A 305 0.57 -2.10 -8.34
C ALA A 305 1.94 -2.79 -8.33
N VAL A 306 2.71 -2.62 -7.25
CA VAL A 306 3.97 -3.33 -7.10
C VAL A 306 3.73 -4.83 -7.12
N ILE A 307 2.78 -5.29 -6.30
CA ILE A 307 2.52 -6.73 -6.20
C ILE A 307 2.03 -7.27 -7.53
N PHE A 308 1.10 -6.56 -8.18
CA PHE A 308 0.62 -6.99 -9.49
C PHE A 308 1.76 -7.05 -10.51
N ALA A 309 2.65 -6.05 -10.50
CA ALA A 309 3.72 -6.01 -11.49
C ALA A 309 4.65 -7.20 -11.36
N ASN A 310 5.02 -7.55 -10.12
CA ASN A 310 5.89 -8.71 -9.93
C ASN A 310 5.13 -10.02 -10.11
N THR A 311 3.92 -10.10 -9.54
CA THR A 311 3.19 -11.37 -9.49
C THR A 311 2.61 -11.75 -10.84
N VAL A 312 1.89 -10.83 -11.46
CA VAL A 312 1.13 -11.15 -12.67
C VAL A 312 1.95 -10.91 -13.94
N LEU A 313 2.60 -9.75 -14.04
CA LEU A 313 3.31 -9.39 -15.26
C LEU A 313 4.72 -9.94 -15.31
N GLY A 314 5.27 -10.38 -14.19
CA GLY A 314 6.65 -10.81 -14.19
C GLY A 314 7.67 -9.69 -14.26
N ALA A 315 7.22 -8.44 -14.17
CA ALA A 315 8.16 -7.32 -14.07
C ALA A 315 8.85 -7.36 -12.70
N ARG A 316 9.77 -6.42 -12.49
CA ARG A 316 10.60 -6.44 -11.28
C ARG A 316 10.62 -5.06 -10.65
N THR A 317 10.15 -4.97 -9.42
CA THR A 317 10.26 -3.75 -8.64
C THR A 317 10.05 -4.08 -7.17
N ALA A 318 10.91 -3.52 -6.31
CA ALA A 318 10.65 -3.58 -4.89
C ALA A 318 9.41 -2.75 -4.56
N LYS A 319 8.87 -2.96 -3.36
CA LYS A 319 7.75 -2.15 -2.88
C LYS A 319 8.32 -0.85 -2.33
N HIS A 320 8.52 0.10 -3.21
CA HIS A 320 9.19 1.34 -2.82
C HIS A 320 8.25 2.22 -2.00
N PRO A 321 8.70 2.74 -0.86
CA PRO A 321 7.87 3.67 -0.11
C PRO A 321 7.68 4.97 -0.87
N ASP A 322 6.60 5.68 -0.52
CA ASP A 322 6.42 7.04 -1.02
C ASP A 322 7.67 7.86 -0.72
N PHE A 323 7.94 8.83 -1.60
CA PHE A 323 9.12 9.70 -1.60
C PHE A 323 10.29 9.03 -2.29
N LEU A 324 10.58 7.77 -1.94
CA LEU A 324 11.64 7.05 -2.65
C LEU A 324 11.26 6.81 -4.09
N ASP A 325 9.97 6.66 -4.39
CA ASP A 325 9.54 6.50 -5.76
C ASP A 325 9.95 7.71 -6.61
N LEU A 326 9.78 8.91 -6.09
CA LEU A 326 10.21 10.10 -6.82
C LEU A 326 11.72 10.12 -6.98
N CYS A 327 12.45 9.77 -5.93
CA CYS A 327 13.91 9.75 -6.00
C CYS A 327 14.39 8.82 -7.10
N ILE A 328 13.80 7.62 -7.19
CA ILE A 328 14.16 6.67 -8.22
C ILE A 328 13.81 7.21 -9.59
N ALA A 329 12.64 7.84 -9.71
CA ALA A 329 12.21 8.41 -10.99
C ALA A 329 13.14 9.53 -11.45
N MET A 330 13.67 10.31 -10.51
CA MET A 330 14.53 11.43 -10.86
C MET A 330 15.93 10.97 -11.27
N THR A 331 16.38 9.82 -10.79
CA THR A 331 17.71 9.32 -11.10
C THR A 331 17.72 8.18 -12.11
N GLY A 332 16.60 7.50 -12.31
CA GLY A 332 16.60 6.29 -13.10
C GLY A 332 17.34 5.14 -12.47
N ARG A 333 17.52 5.16 -11.15
CA ARG A 333 18.31 4.16 -10.43
C ARG A 333 17.60 3.76 -9.15
N ALA A 334 17.67 2.48 -8.82
CA ALA A 334 17.09 1.93 -7.61
C ALA A 334 18.10 0.99 -6.96
N PRO A 335 17.99 0.78 -5.65
CA PRO A 335 18.86 -0.21 -5.00
C PRO A 335 18.66 -1.60 -5.58
N LEU A 336 19.75 -2.22 -5.99
CA LEU A 336 19.70 -3.60 -6.51
C LEU A 336 19.61 -4.54 -5.32
N SER A 337 18.37 -4.77 -4.86
CA SER A 337 18.11 -5.64 -3.73
C SER A 337 16.70 -6.19 -3.86
N GLY A 338 16.35 -7.10 -2.96
CA GLY A 338 15.01 -7.66 -2.96
C GLY A 338 14.69 -8.35 -4.27
N VAL A 339 13.44 -8.20 -4.71
CA VAL A 339 12.94 -8.93 -5.87
C VAL A 339 13.48 -8.40 -7.19
N TYR A 340 14.40 -7.43 -7.17
CA TYR A 340 15.15 -7.13 -8.39
C TYR A 340 16.07 -8.29 -8.76
N LEU A 341 16.49 -9.06 -7.77
CA LEU A 341 17.35 -10.22 -7.97
C LEU A 341 16.50 -11.49 -8.03
N GLU A 342 16.84 -12.38 -8.97
CA GLU A 342 16.03 -13.57 -9.21
C GLU A 342 15.99 -14.48 -7.98
N GLU A 343 17.13 -14.63 -7.29
CA GLU A 343 17.17 -15.50 -6.12
C GLU A 343 16.16 -15.07 -5.07
N ASN A 344 15.95 -13.77 -4.92
CA ASN A 344 15.01 -13.24 -3.95
C ASN A 344 13.56 -13.30 -4.43
N ARG A 345 13.30 -13.80 -5.63
CA ARG A 345 11.94 -14.01 -6.11
C ARG A 345 11.46 -15.44 -5.92
N ARG A 346 12.34 -16.35 -5.50
CA ARG A 346 11.93 -17.72 -5.26
C ARG A 346 10.98 -17.79 -4.06
N PRO A 347 9.97 -18.66 -4.12
CA PRO A 347 9.02 -18.76 -3.00
C PRO A 347 9.72 -19.03 -1.67
N GLN A 348 9.39 -18.23 -0.67
CA GLN A 348 9.96 -18.35 0.66
C GLN A 348 9.06 -19.09 1.64
N ARG A 349 7.82 -19.37 1.24
CA ARG A 349 6.90 -20.16 2.05
C ARG A 349 5.82 -20.72 1.12
N ILE A 350 5.38 -21.94 1.39
CA ILE A 350 4.34 -22.61 0.61
C ILE A 350 3.02 -22.50 1.33
N VAL A 351 1.96 -22.21 0.59
CA VAL A 351 0.61 -22.07 1.16
C VAL A 351 -0.33 -22.97 0.38
N ASP A 352 -0.87 -23.99 1.04
CA ASP A 352 -1.87 -24.87 0.45
C ASP A 352 -3.24 -24.27 0.71
N VAL A 353 -3.88 -23.77 -0.34
CA VAL A 353 -5.16 -23.09 -0.25
C VAL A 353 -6.27 -24.06 -0.63
N ALA A 354 -7.27 -24.19 0.23
CA ALA A 354 -8.41 -25.04 -0.09
C ALA A 354 -9.20 -24.46 -1.26
N LEU A 355 -9.62 -25.34 -2.17
CA LEU A 355 -10.40 -24.93 -3.35
C LEU A 355 -11.80 -25.51 -3.24
N PRO A 356 -12.73 -24.81 -2.62
CA PRO A 356 -14.12 -25.28 -2.60
C PRO A 356 -14.76 -25.15 -3.97
N ALA A 357 -15.83 -25.90 -4.16
CA ALA A 357 -16.59 -25.83 -5.41
C ALA A 357 -17.51 -24.62 -5.40
N GLY A 358 -17.66 -24.00 -6.57
CA GLY A 358 -18.59 -22.89 -6.70
C GLY A 358 -18.05 -21.55 -6.25
N ILE A 359 -16.74 -21.32 -6.36
CA ILE A 359 -16.19 -20.03 -6.00
C ILE A 359 -16.63 -18.98 -7.02
N ASP A 360 -16.81 -17.75 -6.54
CA ASP A 360 -17.08 -16.61 -7.41
C ASP A 360 -15.97 -15.57 -7.20
N ASP A 361 -16.23 -14.36 -7.68
CA ASP A 361 -15.20 -13.32 -7.69
C ASP A 361 -14.75 -12.94 -6.28
N ALA A 362 -15.63 -13.09 -5.28
CA ALA A 362 -15.26 -12.73 -3.91
C ALA A 362 -14.21 -13.66 -3.31
N PHE A 363 -13.99 -14.83 -3.93
CA PHE A 363 -13.01 -15.77 -3.41
C PHE A 363 -11.60 -15.20 -3.44
N TRP A 364 -11.26 -14.48 -4.51
CA TRP A 364 -9.88 -14.13 -4.77
C TRP A 364 -9.37 -13.02 -3.84
N PRO A 365 -10.11 -11.92 -3.64
CA PRO A 365 -9.67 -10.97 -2.60
C PRO A 365 -9.59 -11.57 -1.21
N LEU A 366 -10.53 -12.45 -0.85
CA LEU A 366 -10.44 -13.09 0.46
C LEU A 366 -9.18 -13.93 0.58
N VAL A 367 -8.83 -14.66 -0.48
CA VAL A 367 -7.63 -15.50 -0.44
C VAL A 367 -6.39 -14.64 -0.31
N GLY A 368 -6.31 -13.55 -1.08
CA GLY A 368 -5.18 -12.64 -0.95
C GLY A 368 -5.07 -12.07 0.45
N TYR A 369 -6.21 -11.63 1.01
CA TYR A 369 -6.23 -11.14 2.39
C TYR A 369 -5.68 -12.17 3.36
N LEU A 370 -6.18 -13.40 3.27
CA LEU A 370 -5.76 -14.45 4.20
C LEU A 370 -4.32 -14.91 3.93
N ALA A 371 -3.91 -14.93 2.67
CA ALA A 371 -2.53 -15.31 2.36
C ALA A 371 -1.54 -14.35 3.01
N GLY A 372 -1.88 -13.06 3.07
CA GLY A 372 -0.99 -12.09 3.70
C GLY A 372 -0.92 -12.26 5.20
N LYS A 373 -2.03 -12.62 5.83
CA LYS A 373 -2.01 -12.90 7.26
C LYS A 373 -1.17 -14.12 7.57
N ALA A 374 -1.26 -15.16 6.73
CA ALA A 374 -0.44 -16.35 6.94
C ALA A 374 1.02 -16.11 6.59
N VAL A 375 1.30 -15.25 5.59
CA VAL A 375 2.66 -14.99 5.15
C VAL A 375 2.91 -13.48 5.14
N PRO A 376 3.06 -12.84 6.31
CA PRO A 376 3.16 -11.37 6.34
C PRO A 376 4.54 -10.83 6.03
N ASP A 377 5.58 -11.67 5.98
CA ASP A 377 6.95 -11.16 5.94
C ASP A 377 7.83 -11.84 4.90
N CYS A 378 7.27 -12.63 3.99
CA CYS A 378 8.06 -13.25 2.93
C CYS A 378 7.14 -13.57 1.76
N ILE A 379 7.73 -14.16 0.72
CA ILE A 379 7.05 -14.35 -0.57
C ILE A 379 6.40 -15.73 -0.57
N PRO A 380 5.08 -15.83 -0.68
CA PRO A 380 4.42 -17.13 -0.69
C PRO A 380 4.20 -17.68 -2.09
N LEU A 381 4.10 -19.01 -2.14
CA LEU A 381 3.60 -19.72 -3.31
C LEU A 381 2.25 -20.31 -2.94
N LEU A 382 1.21 -19.90 -3.64
CA LEU A 382 -0.15 -20.38 -3.38
C LEU A 382 -0.41 -21.62 -4.24
N ARG A 383 -0.67 -22.74 -3.59
CA ARG A 383 -0.88 -24.01 -4.28
C ARG A 383 -2.33 -24.45 -4.15
N GLY A 384 -2.79 -25.20 -5.16
CA GLY A 384 -4.12 -25.74 -5.18
C GLY A 384 -5.15 -24.93 -5.94
N LEU A 385 -4.74 -23.85 -6.59
CA LEU A 385 -5.68 -22.94 -7.25
C LEU A 385 -5.54 -22.90 -8.77
N GLY A 386 -4.56 -23.61 -9.33
CA GLY A 386 -4.28 -23.46 -10.75
C GLY A 386 -5.47 -23.76 -11.65
N ALA A 387 -6.25 -24.79 -11.30
CA ALA A 387 -7.39 -25.17 -12.12
C ALA A 387 -8.53 -24.15 -12.08
N ALA A 388 -8.49 -23.20 -11.15
CA ALA A 388 -9.58 -22.25 -11.01
C ALA A 388 -9.57 -21.16 -12.08
N LYS A 389 -8.41 -20.89 -12.69
CA LYS A 389 -8.25 -19.92 -13.76
C LYS A 389 -8.77 -18.54 -13.38
N PRO A 390 -8.11 -17.84 -12.45
CA PRO A 390 -8.56 -16.48 -12.11
C PRO A 390 -8.29 -15.50 -13.24
N SER A 391 -9.23 -14.57 -13.44
CA SER A 391 -9.07 -13.51 -14.43
C SER A 391 -7.98 -12.54 -14.01
N ARG A 392 -7.67 -11.59 -14.89
CA ARG A 392 -6.75 -10.51 -14.53
C ARG A 392 -7.34 -9.64 -13.43
N ASP A 393 -8.66 -9.42 -13.48
CA ASP A 393 -9.32 -8.67 -12.42
C ASP A 393 -9.32 -9.45 -11.11
N ASP A 394 -9.45 -10.77 -11.18
CA ASP A 394 -9.38 -11.59 -9.97
C ASP A 394 -8.01 -11.47 -9.32
N LEU A 395 -6.94 -11.63 -10.12
CA LEU A 395 -5.59 -11.46 -9.58
C LEU A 395 -5.37 -10.05 -9.09
N LYS A 396 -5.97 -9.06 -9.75
CA LYS A 396 -5.88 -7.68 -9.32
C LYS A 396 -6.46 -7.51 -7.91
N ALA A 397 -7.66 -8.06 -7.68
CA ALA A 397 -8.25 -7.98 -6.36
C ALA A 397 -7.44 -8.75 -5.33
N LEU A 398 -6.90 -9.90 -5.73
CA LEU A 398 -6.12 -10.72 -4.79
C LEU A 398 -4.84 -10.01 -4.36
N CYS A 399 -4.09 -9.49 -5.33
CA CYS A 399 -2.85 -8.78 -5.00
C CYS A 399 -3.12 -7.58 -4.10
N ALA A 400 -4.18 -6.82 -4.39
CA ALA A 400 -4.50 -5.66 -3.58
C ALA A 400 -4.82 -6.06 -2.14
N ALA A 401 -5.61 -7.12 -1.96
CA ALA A 401 -5.91 -7.59 -0.62
C ALA A 401 -4.67 -8.17 0.06
N PHE A 402 -3.83 -8.88 -0.70
CA PHE A 402 -2.59 -9.41 -0.15
C PHE A 402 -1.71 -8.28 0.38
N GLY A 403 -1.70 -7.14 -0.30
CA GLY A 403 -0.88 -6.03 0.14
C GLY A 403 -1.26 -5.49 1.51
N THR A 404 -2.56 -5.51 1.83
CA THR A 404 -2.99 -4.89 3.09
C THR A 404 -2.50 -5.64 4.31
N THR A 405 -2.32 -6.96 4.21
CA THR A 405 -1.93 -7.76 5.37
C THR A 405 -0.49 -8.24 5.33
N SER A 406 0.28 -7.88 4.31
CA SER A 406 1.65 -8.38 4.19
C SER A 406 2.59 -7.25 3.79
N ALA A 407 3.88 -7.52 3.97
CA ALA A 407 4.94 -6.60 3.57
C ALA A 407 5.57 -6.97 2.24
N SER A 408 5.36 -8.19 1.76
CA SER A 408 6.11 -8.70 0.63
C SER A 408 5.66 -8.02 -0.67
N PRO A 409 6.58 -7.80 -1.61
CA PRO A 409 6.23 -7.14 -2.87
C PRO A 409 5.69 -8.07 -3.95
N MET A 410 5.60 -9.37 -3.70
CA MET A 410 5.11 -10.29 -4.72
C MET A 410 4.67 -11.59 -4.08
N LEU A 411 3.91 -12.34 -4.86
CA LEU A 411 3.51 -13.70 -4.49
C LEU A 411 3.52 -14.54 -5.76
N HIS A 412 3.34 -15.84 -5.60
CA HIS A 412 3.19 -16.76 -6.71
C HIS A 412 1.90 -17.55 -6.52
N ILE A 413 1.26 -17.88 -7.64
CA ILE A 413 0.10 -18.77 -7.63
C ILE A 413 0.39 -19.90 -8.60
N GLU A 414 0.50 -21.12 -8.07
CA GLU A 414 0.80 -22.29 -8.89
C GLU A 414 -0.24 -22.43 -9.99
N GLY A 415 0.25 -22.55 -11.23
CA GLY A 415 -0.63 -22.69 -12.37
C GLY A 415 -1.37 -21.42 -12.77
N ALA A 416 -0.86 -20.25 -12.42
CA ALA A 416 -1.52 -19.00 -12.79
C ALA A 416 -0.54 -17.90 -13.13
N THR A 417 0.54 -17.77 -12.36
CA THR A 417 1.47 -16.66 -12.56
C THR A 417 2.77 -17.14 -13.21
N PRO A 418 3.39 -16.32 -14.05
CA PRO A 418 4.43 -16.82 -14.97
C PRO A 418 5.72 -17.28 -14.29
N GLU A 419 5.95 -16.96 -13.03
CA GLU A 419 7.18 -17.37 -12.35
C GLU A 419 6.92 -18.39 -11.25
N ALA A 420 5.72 -18.96 -11.18
CA ALA A 420 5.37 -19.86 -10.09
C ALA A 420 6.20 -21.14 -10.09
N GLY A 421 6.86 -21.46 -11.20
CA GLY A 421 7.70 -22.63 -11.25
C GLY A 421 9.06 -22.48 -10.63
N LEU A 422 9.43 -21.27 -10.20
CA LEU A 422 10.73 -21.06 -9.57
C LEU A 422 10.87 -21.96 -8.35
N ALA A 423 12.03 -22.58 -8.23
CA ALA A 423 12.28 -23.52 -7.15
C ALA A 423 12.12 -22.82 -5.80
N PRO A 424 11.22 -23.31 -4.93
CA PRO A 424 11.10 -22.71 -3.60
C PRO A 424 12.43 -22.79 -2.86
N LEU A 425 12.69 -21.78 -2.03
CA LEU A 425 13.87 -21.81 -1.19
C LEU A 425 13.84 -23.05 -0.31
N GLU A 426 15.03 -23.58 -0.02
CA GLU A 426 15.12 -24.77 0.81
C GLU A 426 14.72 -24.51 2.25
N THR A 427 14.57 -23.26 2.65
CA THR A 427 14.02 -22.90 3.95
C THR A 427 12.50 -22.80 3.94
N ALA A 428 11.87 -22.92 2.78
CA ALA A 428 10.43 -22.66 2.66
C ALA A 428 9.64 -23.69 3.45
N GLU A 429 8.81 -23.20 4.37
CA GLU A 429 7.87 -24.03 5.12
C GLU A 429 6.52 -24.05 4.42
N THR A 430 5.64 -24.95 4.88
CA THR A 430 4.31 -25.11 4.32
C THR A 430 3.26 -24.78 5.37
N VAL A 431 2.32 -23.91 5.00
CA VAL A 431 1.16 -23.60 5.83
C VAL A 431 -0.09 -23.84 4.99
N THR A 432 -1.25 -23.71 5.63
CA THR A 432 -2.52 -23.96 4.97
C THR A 432 -3.45 -22.75 5.13
N ILE A 433 -4.39 -22.64 4.20
CA ILE A 433 -5.55 -21.76 4.35
C ILE A 433 -6.76 -22.66 4.16
N SER A 434 -7.43 -22.99 5.26
CA SER A 434 -8.53 -23.93 5.25
C SER A 434 -9.86 -23.21 4.99
N LEU A 435 -10.92 -24.01 4.77
CA LEU A 435 -12.25 -23.45 4.68
C LEU A 435 -12.63 -22.70 5.95
N GLU A 436 -12.24 -23.24 7.11
CA GLU A 436 -12.50 -22.55 8.36
C GLU A 436 -11.78 -21.21 8.41
N ASP A 437 -10.54 -21.16 7.90
CA ASP A 437 -9.83 -19.89 7.79
C ASP A 437 -10.62 -18.90 6.95
N MET A 438 -11.25 -19.38 5.88
CA MET A 438 -12.00 -18.51 4.98
C MET A 438 -13.27 -18.00 5.64
N ALA A 439 -13.99 -18.86 6.36
CA ALA A 439 -15.21 -18.43 7.03
C ALA A 439 -14.91 -17.38 8.09
N ALA A 440 -13.82 -17.55 8.83
CA ALA A 440 -13.44 -16.55 9.83
C ALA A 440 -13.08 -15.22 9.17
N GLY A 441 -12.35 -15.27 8.05
CA GLY A 441 -11.99 -14.04 7.37
C GLY A 441 -13.20 -13.34 6.79
N TRP A 442 -14.14 -14.11 6.23
CA TRP A 442 -15.38 -13.53 5.70
C TRP A 442 -16.15 -12.79 6.79
N SER A 443 -16.27 -13.41 7.97
CA SER A 443 -16.94 -12.75 9.09
C SER A 443 -16.14 -11.54 9.56
N LEU A 444 -14.81 -11.66 9.57
CA LEU A 444 -13.95 -10.56 9.97
C LEU A 444 -14.22 -9.31 9.14
N LEU A 445 -14.47 -9.47 7.84
CA LEU A 445 -14.65 -8.35 6.93
C LEU A 445 -16.10 -7.93 6.77
N ASN A 446 -17.00 -8.45 7.59
CA ASN A 446 -18.43 -8.16 7.49
C ASN A 446 -18.98 -7.74 8.84
N GLU A 447 -18.20 -6.97 9.59
CA GLU A 447 -18.65 -6.46 10.89
C GLU A 447 -19.44 -5.16 10.66
N GLY A 448 -20.63 -5.34 10.11
CA GLY A 448 -21.54 -4.25 9.86
C GLY A 448 -22.97 -4.73 9.79
N PRO A 449 -23.93 -3.80 9.70
CA PRO A 449 -25.34 -4.20 9.61
C PRO A 449 -25.71 -4.68 8.22
N GLU A 450 -27.00 -4.93 8.00
CA GLU A 450 -27.48 -5.31 6.67
C GLU A 450 -27.93 -4.11 5.85
N GLU A 451 -28.42 -3.06 6.50
CA GLU A 451 -28.77 -1.83 5.78
C GLU A 451 -27.51 -1.07 5.40
N VAL A 452 -27.38 -0.76 4.10
CA VAL A 452 -26.24 0.01 3.60
C VAL A 452 -26.76 1.14 2.72
N GLN A 453 -26.04 2.27 2.77
CA GLN A 453 -26.40 3.46 2.00
C GLN A 453 -25.38 3.78 0.91
N LEU A 454 -24.39 2.91 0.72
CA LEU A 454 -23.33 3.16 -0.24
C LEU A 454 -22.75 1.84 -0.71
N VAL A 455 -22.52 1.74 -2.01
CA VAL A 455 -21.80 0.62 -2.61
C VAL A 455 -20.51 1.17 -3.21
N ALA A 456 -19.37 0.64 -2.77
CA ALA A 456 -18.06 1.15 -3.13
C ALA A 456 -17.33 0.12 -3.99
N ILE A 457 -17.06 0.47 -5.23
CA ILE A 457 -16.40 -0.41 -6.19
C ILE A 457 -15.24 0.33 -6.81
N GLY A 458 -14.12 -0.38 -7.04
CA GLY A 458 -13.01 0.20 -7.76
C GLY A 458 -11.80 0.53 -6.91
N CYS A 459 -11.50 -0.31 -5.93
CA CYS A 459 -10.28 -0.22 -5.13
C CYS A 459 -9.55 -1.56 -5.26
N PRO A 460 -8.48 -1.64 -6.07
CA PRO A 460 -7.92 -0.56 -6.88
C PRO A 460 -8.80 -0.22 -8.09
N HIS A 461 -8.46 0.88 -8.77
CA HIS A 461 -9.26 1.44 -9.85
C HIS A 461 -9.79 0.37 -10.79
N ALA A 462 -11.08 0.46 -11.11
CA ALA A 462 -11.74 -0.57 -11.89
C ALA A 462 -11.23 -0.61 -13.33
N SER A 463 -11.08 -1.82 -13.86
CA SER A 463 -10.77 -2.02 -15.26
C SER A 463 -12.03 -1.85 -16.11
N LEU A 464 -11.83 -1.75 -17.43
CA LEU A 464 -12.97 -1.72 -18.34
C LEU A 464 -13.78 -3.00 -18.23
N GLU A 465 -13.11 -4.15 -18.13
CA GLU A 465 -13.82 -5.41 -17.93
C GLU A 465 -14.67 -5.38 -16.67
N GLU A 466 -14.19 -4.70 -15.62
CA GLU A 466 -14.95 -4.60 -14.38
C GLU A 466 -16.20 -3.75 -14.55
N CYS A 467 -16.05 -2.60 -15.24
CA CYS A 467 -17.20 -1.74 -15.47
C CYS A 467 -18.25 -2.42 -16.34
N ARG A 468 -17.80 -3.15 -17.36
CA ARG A 468 -18.74 -3.92 -18.20
C ARG A 468 -19.42 -5.00 -17.39
N ALA A 469 -18.65 -5.73 -16.57
CA ALA A 469 -19.24 -6.76 -15.72
C ALA A 469 -20.23 -6.15 -14.74
N LEU A 470 -19.94 -4.95 -14.22
CA LEU A 470 -20.87 -4.28 -13.33
C LEU A 470 -22.17 -3.95 -14.03
N ALA A 471 -22.10 -3.44 -15.27
CA ALA A 471 -23.30 -3.10 -16.02
C ALA A 471 -24.10 -4.34 -16.36
N ALA A 472 -23.42 -5.45 -16.65
CA ALA A 472 -24.13 -6.69 -16.98
C ALA A 472 -24.92 -7.20 -15.78
N VAL A 473 -24.34 -7.14 -14.58
CA VAL A 473 -25.07 -7.57 -13.40
C VAL A 473 -26.26 -6.65 -13.13
N PHE A 474 -26.09 -5.35 -13.39
CA PHE A 474 -27.20 -4.41 -13.18
C PHE A 474 -28.37 -4.71 -14.11
N ASN A 475 -28.10 -5.24 -15.30
CA ASN A 475 -29.13 -5.75 -16.21
C ASN A 475 -30.16 -4.68 -16.56
N GLY A 476 -29.74 -3.42 -16.62
CA GLY A 476 -30.63 -2.33 -16.95
C GLY A 476 -31.46 -1.79 -15.80
N ARG A 477 -31.50 -2.47 -14.66
CA ARG A 477 -32.21 -1.95 -13.50
C ARG A 477 -31.52 -0.69 -13.00
N LYS A 478 -32.17 0.01 -12.07
CA LYS A 478 -31.60 1.20 -11.46
C LYS A 478 -31.63 1.07 -9.95
N ARG A 479 -30.61 1.64 -9.31
CA ARG A 479 -30.35 1.47 -7.88
C ARG A 479 -31.50 1.99 -7.03
N HIS A 480 -31.55 1.51 -5.79
CA HIS A 480 -32.44 2.10 -4.80
C HIS A 480 -32.04 3.55 -4.57
N ALA A 481 -33.05 4.40 -4.33
CA ALA A 481 -32.79 5.82 -4.16
C ALA A 481 -31.98 6.11 -2.91
N ASP A 482 -32.05 5.25 -1.90
CA ASP A 482 -31.32 5.45 -0.66
C ASP A 482 -29.88 4.95 -0.71
N VAL A 483 -29.48 4.30 -1.80
CA VAL A 483 -28.18 3.64 -1.90
C VAL A 483 -27.38 4.30 -3.01
N ALA A 484 -26.32 5.02 -2.64
CA ALA A 484 -25.38 5.53 -3.62
C ALA A 484 -24.48 4.42 -4.10
N VAL A 485 -24.17 4.44 -5.40
CA VAL A 485 -23.27 3.47 -6.03
C VAL A 485 -22.18 4.26 -6.72
N ILE A 486 -20.95 4.12 -6.25
CA ILE A 486 -19.83 4.92 -6.74
C ILE A 486 -18.71 3.98 -7.18
N VAL A 487 -18.22 4.20 -8.39
CA VAL A 487 -17.11 3.44 -8.94
C VAL A 487 -15.95 4.40 -9.15
N THR A 488 -14.78 4.03 -8.64
CA THR A 488 -13.55 4.78 -8.89
C THR A 488 -12.75 4.06 -9.97
N ALA A 489 -12.28 4.80 -10.95
CA ALA A 489 -11.49 4.23 -12.04
C ALA A 489 -10.57 5.30 -12.60
N GLY A 490 -9.59 4.84 -13.39
CA GLY A 490 -8.71 5.77 -14.05
C GLY A 490 -9.39 6.49 -15.20
N GLN A 491 -8.86 7.68 -15.51
CA GLN A 491 -9.45 8.50 -16.57
C GLN A 491 -9.49 7.75 -17.90
N GLN A 492 -8.43 6.98 -18.21
CA GLN A 492 -8.37 6.27 -19.48
C GLN A 492 -9.43 5.19 -19.56
N VAL A 493 -9.79 4.58 -18.42
CA VAL A 493 -10.87 3.58 -18.44
C VAL A 493 -12.21 4.27 -18.61
N ILE A 494 -12.40 5.42 -17.93
CA ILE A 494 -13.64 6.16 -18.06
C ILE A 494 -13.81 6.66 -19.49
N ASP A 495 -12.71 7.04 -20.14
CA ASP A 495 -12.78 7.45 -21.54
C ASP A 495 -13.23 6.29 -22.43
N ALA A 496 -12.67 5.10 -22.21
CA ALA A 496 -13.06 3.94 -22.99
C ALA A 496 -14.48 3.49 -22.67
N ALA A 497 -14.92 3.66 -21.42
CA ALA A 497 -16.28 3.29 -21.06
C ALA A 497 -17.30 4.23 -21.69
N GLY A 498 -16.89 5.47 -21.99
CA GLY A 498 -17.78 6.35 -22.74
C GLY A 498 -17.92 5.92 -24.19
N LYS A 499 -16.87 5.33 -24.77
CA LYS A 499 -16.90 4.95 -26.17
C LYS A 499 -17.81 3.73 -26.39
N ASP A 500 -17.58 2.66 -25.64
CA ASP A 500 -18.33 1.42 -25.84
C ASP A 500 -19.69 1.42 -25.16
N GLY A 501 -20.12 2.54 -24.59
CA GLY A 501 -21.45 2.65 -24.01
C GLY A 501 -21.60 2.16 -22.59
N THR A 502 -20.53 1.65 -21.97
CA THR A 502 -20.64 1.16 -20.60
C THR A 502 -20.95 2.30 -19.63
N LEU A 503 -20.35 3.46 -19.87
CA LEU A 503 -20.52 4.60 -18.96
C LEU A 503 -21.98 5.02 -18.87
N GLN A 504 -22.62 5.25 -20.02
CA GLN A 504 -24.01 5.68 -20.03
C GLN A 504 -24.92 4.65 -19.39
N SER A 505 -24.63 3.36 -19.62
CA SER A 505 -25.42 2.31 -18.98
C SER A 505 -25.29 2.37 -17.47
N LEU A 506 -24.07 2.58 -16.97
CA LEU A 506 -23.88 2.71 -15.53
C LEU A 506 -24.61 3.92 -14.99
N LYS A 507 -24.54 5.05 -15.68
CA LYS A 507 -25.27 6.23 -15.23
C LYS A 507 -26.77 6.05 -15.37
N ASP A 508 -27.21 5.21 -16.33
CA ASP A 508 -28.62 4.88 -16.42
C ASP A 508 -29.10 4.20 -15.14
N SER A 509 -28.29 3.30 -14.58
CA SER A 509 -28.60 2.62 -13.33
C SER A 509 -28.33 3.48 -12.10
N GLY A 510 -27.95 4.74 -12.27
CA GLY A 510 -27.70 5.63 -11.15
C GLY A 510 -26.31 5.55 -10.56
N VAL A 511 -25.35 4.98 -11.28
CA VAL A 511 -23.98 4.80 -10.78
C VAL A 511 -23.15 6.03 -11.12
N GLN A 512 -22.36 6.50 -10.17
CA GLN A 512 -21.39 7.56 -10.40
C GLN A 512 -20.02 6.95 -10.63
N VAL A 513 -19.37 7.34 -11.72
CA VAL A 513 -18.03 6.88 -12.04
C VAL A 513 -17.09 8.05 -11.84
N LEU A 514 -16.17 7.92 -10.89
CA LEU A 514 -15.29 9.01 -10.51
C LEU A 514 -13.88 8.74 -10.96
N PRO A 515 -13.21 9.70 -11.58
CA PRO A 515 -11.79 9.56 -11.90
C PRO A 515 -10.90 9.98 -10.73
N ASP A 516 -9.62 9.67 -10.87
CA ASP A 516 -8.54 10.19 -10.02
C ASP A 516 -8.61 9.67 -8.59
N LEU A 517 -9.77 9.79 -7.96
CA LEU A 517 -9.94 9.38 -6.58
C LEU A 517 -9.91 7.86 -6.46
N CYS A 518 -9.52 7.39 -5.29
CA CYS A 518 -9.75 6.02 -4.89
C CYS A 518 -10.37 6.02 -3.51
N TRP A 519 -10.99 4.88 -3.15
CA TRP A 519 -11.66 4.77 -1.87
C TRP A 519 -10.71 5.02 -0.72
N VAL A 520 -9.43 4.71 -0.92
CA VAL A 520 -8.41 5.01 0.07
C VAL A 520 -8.26 6.52 0.28
N SER A 521 -8.49 7.31 -0.77
CA SER A 521 -8.26 8.76 -0.71
C SER A 521 -9.54 9.58 -0.77
N ILE A 522 -10.71 8.95 -0.87
CA ILE A 522 -11.96 9.70 -0.97
C ILE A 522 -12.30 10.34 0.37
N SER A 523 -13.14 11.38 0.31
CA SER A 523 -13.52 12.11 1.51
C SER A 523 -14.86 12.80 1.27
N GLU A 524 -15.49 13.23 2.37
CA GLU A 524 -16.74 13.97 2.30
C GLU A 524 -16.52 15.32 1.61
N PRO A 525 -17.54 15.84 0.89
CA PRO A 525 -18.88 15.27 0.72
C PRO A 525 -19.01 14.28 -0.45
N VAL A 526 -17.92 14.04 -1.18
CA VAL A 526 -18.00 13.08 -2.28
C VAL A 526 -18.33 11.69 -1.74
N PHE A 527 -17.67 11.30 -0.67
CA PHE A 527 -18.15 10.23 0.18
C PHE A 527 -19.42 10.74 0.86
N PRO A 528 -20.61 10.24 0.50
CA PRO A 528 -21.85 10.84 1.02
C PRO A 528 -21.90 10.83 2.54
N THR A 529 -22.17 12.00 3.12
CA THR A 529 -22.13 12.15 4.57
C THR A 529 -23.21 11.32 5.26
N LYS A 530 -24.34 11.10 4.59
CA LYS A 530 -25.43 10.31 5.17
C LYS A 530 -25.02 8.86 5.41
N THR A 531 -23.92 8.40 4.83
CA THR A 531 -23.55 7.00 4.90
C THR A 531 -23.27 6.58 6.34
N ARG A 532 -23.90 5.49 6.77
CA ARG A 532 -23.57 4.83 8.01
C ARG A 532 -22.92 3.47 7.81
N ALA A 533 -23.33 2.73 6.77
CA ALA A 533 -22.71 1.48 6.40
C ALA A 533 -22.58 1.42 4.88
N LEU A 534 -21.50 0.79 4.43
CA LEU A 534 -21.23 0.63 3.01
C LEU A 534 -20.92 -0.83 2.73
N MET A 535 -21.13 -1.23 1.48
CA MET A 535 -20.68 -2.53 1.01
C MET A 535 -19.71 -2.35 -0.14
N THR A 536 -18.68 -3.19 -0.16
CA THR A 536 -17.64 -3.12 -1.16
C THR A 536 -17.27 -4.53 -1.59
N ASN A 537 -16.80 -4.66 -2.83
CA ASN A 537 -16.23 -5.92 -3.29
C ASN A 537 -14.71 -5.93 -3.17
N SER A 538 -14.12 -4.94 -2.52
CA SER A 538 -12.69 -4.81 -2.39
C SER A 538 -12.26 -5.36 -1.04
N GLY A 539 -11.41 -6.39 -1.06
CA GLY A 539 -10.81 -6.84 0.19
C GLY A 539 -9.96 -5.76 0.84
N LYS A 540 -9.22 -5.02 0.01
CA LYS A 540 -8.38 -3.94 0.53
C LYS A 540 -9.21 -2.88 1.24
N TYR A 541 -10.25 -2.38 0.57
CA TYR A 541 -11.03 -1.32 1.20
C TYR A 541 -11.89 -1.86 2.33
N ALA A 542 -12.26 -3.14 2.29
CA ALA A 542 -12.95 -3.74 3.43
C ALA A 542 -12.10 -3.67 4.68
N HIS A 543 -10.78 -3.86 4.54
CA HIS A 543 -9.89 -3.77 5.69
C HIS A 543 -9.72 -2.33 6.15
N TYR A 544 -9.41 -1.43 5.21
CA TYR A 544 -9.07 -0.05 5.57
C TYR A 544 -10.29 0.82 5.81
N GLY A 545 -11.41 0.52 5.15
CA GLY A 545 -12.60 1.34 5.17
C GLY A 545 -13.10 1.80 6.53
N PRO A 546 -13.26 0.87 7.48
CA PRO A 546 -13.82 1.28 8.78
C PRO A 546 -12.99 2.34 9.50
N GLY A 547 -11.66 2.19 9.52
CA GLY A 547 -10.83 3.19 10.18
C GLY A 547 -10.71 4.47 9.39
N LEU A 548 -10.75 4.40 8.06
CA LEU A 548 -10.59 5.59 7.23
C LEU A 548 -11.86 6.43 7.20
N SER A 549 -13.02 5.78 7.18
CA SER A 549 -14.29 6.48 6.99
C SER A 549 -15.10 6.64 8.26
N GLY A 550 -14.86 5.82 9.28
CA GLY A 550 -15.71 5.79 10.45
C GLY A 550 -17.04 5.08 10.25
N ARG A 551 -17.27 4.50 9.09
CA ARG A 551 -18.50 3.77 8.80
C ARG A 551 -18.31 2.28 9.00
N ALA A 552 -19.42 1.57 9.15
CA ALA A 552 -19.39 0.12 9.11
C ALA A 552 -19.24 -0.35 7.67
N VAL A 553 -18.52 -1.45 7.49
CA VAL A 553 -18.17 -1.93 6.16
C VAL A 553 -18.58 -3.38 6.02
N ARG A 554 -19.24 -3.70 4.92
CA ARG A 554 -19.57 -5.06 4.53
C ARG A 554 -18.79 -5.44 3.28
N PHE A 555 -18.46 -6.72 3.17
CA PHE A 555 -17.66 -7.23 2.07
C PHE A 555 -18.43 -8.33 1.36
N GLY A 556 -18.45 -8.28 0.03
CA GLY A 556 -19.14 -9.31 -0.72
C GLY A 556 -18.68 -9.35 -2.16
N SER A 557 -19.33 -10.21 -2.93
CA SER A 557 -19.03 -10.33 -4.35
C SER A 557 -19.61 -9.14 -5.11
N LEU A 558 -19.28 -9.07 -6.40
CA LEU A 558 -19.81 -8.02 -7.27
C LEU A 558 -21.33 -8.04 -7.30
N ALA A 559 -21.92 -9.24 -7.42
CA ALA A 559 -23.37 -9.35 -7.44
C ALA A 559 -23.98 -9.05 -6.08
N ASP A 560 -23.28 -9.40 -4.99
CA ASP A 560 -23.71 -8.97 -3.66
C ASP A 560 -23.80 -7.45 -3.59
N CYS A 561 -22.87 -6.76 -4.23
CA CYS A 561 -22.88 -5.30 -4.22
C CYS A 561 -24.08 -4.76 -4.99
N VAL A 562 -24.33 -5.29 -6.19
CA VAL A 562 -25.44 -4.81 -7.00
C VAL A 562 -26.77 -5.08 -6.33
N GLU A 563 -26.93 -6.27 -5.75
CA GLU A 563 -28.15 -6.59 -5.01
C GLU A 563 -28.36 -5.61 -3.87
N SER A 564 -27.29 -5.24 -3.17
CA SER A 564 -27.39 -4.20 -2.15
C SER A 564 -27.78 -2.87 -2.78
N ALA A 565 -27.27 -2.58 -3.97
CA ALA A 565 -27.64 -1.36 -4.66
C ALA A 565 -29.11 -1.33 -5.04
N LEU A 566 -29.69 -2.48 -5.36
CA LEU A 566 -31.08 -2.53 -5.78
C LEU A 566 -32.03 -2.54 -4.58
N THR A 567 -31.72 -3.34 -3.57
CA THR A 567 -32.62 -3.55 -2.44
C THR A 567 -32.32 -2.67 -1.23
N GLY A 568 -31.18 -1.99 -1.21
CA GLY A 568 -30.82 -1.22 -0.04
C GLY A 568 -30.24 -2.04 1.07
N ARG A 569 -29.87 -3.27 0.77
CA ARG A 569 -29.58 -4.19 1.85
C ARG A 569 -28.64 -5.29 1.43
N ALA A 570 -27.69 -5.62 2.32
CA ALA A 570 -26.69 -6.65 2.09
C ALA A 570 -26.97 -7.82 3.03
N VAL A 571 -27.42 -8.94 2.46
CA VAL A 571 -27.82 -10.08 3.27
C VAL A 571 -26.61 -10.65 4.00
N SER A 572 -26.72 -10.74 5.32
CA SER A 572 -25.65 -11.30 6.15
C SER A 572 -25.67 -12.81 6.01
N ARG A 573 -24.70 -13.34 5.26
CA ARG A 573 -24.64 -14.77 5.03
C ARG A 573 -23.26 -15.14 4.49
N LEU A 574 -22.83 -16.36 4.82
CA LEU A 574 -21.65 -16.92 4.19
C LEU A 574 -21.95 -17.22 2.73
N PRO A 575 -20.94 -17.17 1.86
CA PRO A 575 -21.19 -17.33 0.42
C PRO A 575 -21.54 -18.77 0.03
N VAL A 576 -21.87 -18.98 -1.24
CA VAL A 576 -22.23 -20.31 -1.71
C VAL A 576 -21.11 -21.30 -1.45
N TRP A 577 -19.87 -20.91 -1.80
CA TRP A 577 -18.72 -21.80 -1.69
C TRP A 577 -18.23 -22.00 -0.25
N LEU A 578 -18.88 -21.38 0.74
CA LEU A 578 -18.55 -21.61 2.14
C LEU A 578 -19.71 -22.24 2.91
N SER A 579 -20.78 -22.64 2.23
CA SER A 579 -21.95 -23.21 2.89
C SER A 579 -21.89 -24.74 2.90
#